data_2H1P
#
_entry.id   2H1P
#
_cell.length_a   43.790
_cell.length_b   51.250
_cell.length_c   60.180
_cell.angle_alpha   91.82
_cell.angle_beta   98.57
_cell.angle_gamma   107.84
#
_symmetry.space_group_name_H-M   'P 1'
#
loop_
_entity.id
_entity.type
_entity.pdbx_description
1 polymer 2H1
2 polymer 2H1
3 polymer PA1
4 water water
#
loop_
_entity_poly.entity_id
_entity_poly.type
_entity_poly.pdbx_seq_one_letter_code
_entity_poly.pdbx_strand_id
1 'polypeptide(L)'
;DVVMTQTPLSLPVSLGDPASISCRSSQSLVHSNGNTYLHWYLQKPGQSPKLLIYKVSNRFSGVPDKFSGSGSGTDFTLKI
SRVEAEDQGVYFCSQSTHVPWTFGGGTKLEIKRADAAPTVSIFPPSSEQLTSGGASVVCFLNNFYPKDINVKWKIDGSER
QNGVLNSWTDEDSKDSTYSMSSTLTLTKDEYERHNSYTCEATHKTSTSPIVKSFNRNEC
;
L
2 'polypeptide(L)'
;DVKLVESGGGLVKLGGSLKLSCAASGFTFSSYFLSWVRQTPEKRLELVATINSNGDKTYHPDTMKGRFTISRDNAKNTLY
LQMSSLKSEDTALYYCARRDSSASLYFDYWGQGTTLTVSSAKTTPPSVYPLAPGSAAQTNSMVTLGCLVKGYFPEPVTVT
WNSGSLSSGVHTFPAVLQSDLYTLSSSVTVPSSTWPSETVTCNVAHPASSTKVDKKIVPR
;
H
3 'polypeptide(L)' GLQYTPSWMLVG P
#
# COMPACT_ATOMS: atom_id res chain seq x y z
N ASP A 1 20.18 -7.01 -9.85
CA ASP A 1 20.24 -7.01 -8.38
C ASP A 1 21.25 -6.04 -7.76
N VAL A 2 20.72 -5.24 -6.85
CA VAL A 2 21.48 -4.19 -6.25
C VAL A 2 20.32 -3.55 -5.55
N VAL A 3 20.59 -3.10 -4.33
CA VAL A 3 19.61 -2.49 -3.48
C VAL A 3 19.55 -1.00 -3.76
N MET A 4 18.42 -0.56 -4.32
CA MET A 4 18.18 0.85 -4.58
C MET A 4 17.58 1.44 -3.34
N THR A 5 18.36 2.28 -2.67
CA THR A 5 17.87 2.91 -1.46
C THR A 5 17.51 4.36 -1.73
N GLN A 6 16.23 4.70 -1.65
CA GLN A 6 15.81 6.10 -1.81
C GLN A 6 15.62 6.83 -0.50
N THR A 7 15.75 8.16 -0.58
CA THR A 7 15.63 9.07 0.56
C THR A 7 15.06 10.44 0.22
N PRO A 8 14.19 10.98 1.04
CA PRO A 8 13.67 10.30 2.20
C PRO A 8 12.55 9.42 1.70
N LEU A 9 11.92 8.62 2.55
CA LEU A 9 10.78 7.85 2.06
C LEU A 9 9.55 8.71 1.92
N SER A 10 9.52 9.82 2.66
CA SER A 10 8.38 10.73 2.59
C SER A 10 8.90 12.17 2.55
N LEU A 11 8.19 12.99 1.76
CA LEU A 11 8.58 14.37 1.53
C LEU A 11 7.34 15.27 1.47
N PRO A 12 7.23 16.14 2.50
CA PRO A 12 6.15 17.11 2.67
C PRO A 12 6.52 18.41 1.98
N VAL A 13 5.62 18.98 1.22
CA VAL A 13 5.94 20.19 0.48
C VAL A 13 4.78 21.13 0.25
N SER A 14 5.13 22.37 -0.01
CA SER A 14 4.13 23.36 -0.35
C SER A 14 4.36 23.64 -1.83
N LEU A 15 3.29 23.70 -2.61
CA LEU A 15 3.47 23.96 -4.03
C LEU A 15 4.33 25.21 -4.20
N GLY A 16 5.13 25.23 -5.26
CA GLY A 16 6.05 26.33 -5.48
C GLY A 16 7.42 25.92 -4.97
N ASP A 17 7.48 25.28 -3.80
CA ASP A 17 8.77 24.80 -3.32
C ASP A 17 9.41 23.88 -4.37
N PRO A 18 10.58 23.37 -4.03
CA PRO A 18 11.29 22.49 -4.91
C PRO A 18 11.88 21.38 -4.06
N ALA A 19 12.17 20.23 -4.66
CA ALA A 19 12.62 19.11 -3.88
C ALA A 19 13.77 18.33 -4.49
N SER A 20 14.38 17.48 -3.66
CA SER A 20 15.44 16.60 -4.10
C SER A 20 15.29 15.23 -3.43
N ILE A 21 15.17 14.22 -4.27
CA ILE A 21 15.08 12.84 -3.83
C ILE A 21 16.45 12.19 -4.09
N SER A 22 17.04 11.50 -3.11
CA SER A 22 18.29 10.79 -3.39
C SER A 22 17.93 9.35 -3.74
N CYS A 23 18.89 8.67 -4.34
CA CYS A 23 18.78 7.28 -4.72
C CYS A 23 20.20 6.78 -4.78
N ARG A 24 20.45 5.62 -4.20
CA ARG A 24 21.80 5.16 -3.99
C ARG A 24 21.83 3.64 -4.22
N SER A 25 22.45 3.18 -5.31
CA SER A 25 22.51 1.75 -5.56
C SER A 25 23.52 1.13 -4.60
N SER A 26 23.55 -0.20 -4.51
CA SER A 26 24.56 -0.82 -3.67
C SER A 26 25.85 -0.90 -4.51
N GLN A 27 25.91 -1.81 -5.48
CA GLN A 27 27.04 -1.87 -6.42
C GLN A 27 27.00 -0.58 -7.28
N SER A 28 28.05 -0.30 -8.04
CA SER A 28 28.05 0.87 -8.94
C SER A 28 27.11 0.62 -10.11
N LEU A 29 26.69 1.67 -10.82
CA LEU A 29 25.80 1.50 -11.98
C LEU A 29 26.42 1.69 -13.38
N VAL A 30 27.73 1.89 -13.43
CA VAL A 30 28.31 2.06 -14.75
C VAL A 30 28.38 0.70 -15.41
N HIS A 31 27.72 0.60 -16.55
CA HIS A 31 27.74 -0.65 -17.24
C HIS A 31 28.98 -0.80 -18.08
N SER A 32 29.41 -2.04 -18.23
CA SER A 32 30.55 -2.38 -19.08
C SER A 32 30.27 -1.94 -20.52
N ASN A 33 30.06 -0.65 -20.67
CA ASN A 33 29.82 -0.09 -21.98
C ASN A 33 29.63 1.39 -21.80
N GLY A 34 30.01 1.87 -20.62
CA GLY A 34 29.95 3.28 -20.30
C GLY A 34 28.55 3.85 -20.01
N ASN A 35 27.52 3.12 -20.39
CA ASN A 35 26.20 3.61 -20.09
C ASN A 35 25.88 3.39 -18.61
N THR A 36 25.19 4.36 -18.01
CA THR A 36 24.72 4.27 -16.64
C THR A 36 23.19 4.15 -16.63
N TYR A 37 22.68 2.93 -16.52
CA TYR A 37 21.27 2.67 -16.62
C TYR A 37 20.39 2.92 -15.42
N LEU A 38 20.39 4.15 -14.92
CA LEU A 38 19.58 4.59 -13.78
C LEU A 38 18.40 5.42 -14.28
N HIS A 39 17.16 5.03 -13.97
CA HIS A 39 16.04 5.84 -14.43
C HIS A 39 15.17 6.27 -13.30
N TRP A 40 14.20 7.13 -13.63
CA TRP A 40 13.27 7.69 -12.66
C TRP A 40 11.86 7.59 -13.22
N TYR A 41 10.95 7.11 -12.36
CA TYR A 41 9.55 6.95 -12.73
C TYR A 41 8.71 7.58 -11.63
N LEU A 42 7.53 8.03 -12.04
CA LEU A 42 6.54 8.61 -11.18
C LEU A 42 5.31 7.75 -11.20
N GLN A 43 4.66 7.60 -10.05
CA GLN A 43 3.40 6.88 -10.06
C GLN A 43 2.40 7.71 -9.38
N LYS A 44 1.36 8.01 -10.14
CA LYS A 44 0.26 8.81 -9.68
C LYS A 44 -0.82 7.92 -9.07
N PRO A 45 -1.34 8.39 -7.95
CA PRO A 45 -2.38 7.65 -7.26
C PRO A 45 -3.28 7.05 -8.30
N GLY A 46 -3.25 5.73 -8.37
CA GLY A 46 -4.09 5.00 -9.27
C GLY A 46 -3.65 4.79 -10.70
N GLN A 47 -2.39 5.02 -11.03
CA GLN A 47 -1.97 4.76 -12.41
C GLN A 47 -0.68 3.98 -12.54
N SER A 48 -0.32 3.67 -13.78
CA SER A 48 0.94 2.97 -14.06
C SER A 48 2.05 3.99 -13.89
N PRO A 49 3.24 3.53 -13.54
CA PRO A 49 4.34 4.47 -13.45
C PRO A 49 4.54 5.07 -14.84
N LYS A 50 5.14 6.24 -14.86
CA LYS A 50 5.46 6.89 -16.10
C LYS A 50 6.88 7.31 -15.97
N LEU A 51 7.69 6.96 -16.96
CA LEU A 51 9.09 7.34 -16.96
C LEU A 51 9.25 8.87 -17.05
N LEU A 52 10.14 9.44 -16.25
CA LEU A 52 10.43 10.86 -16.31
C LEU A 52 11.77 11.05 -16.96
N ILE A 53 12.75 10.32 -16.44
CA ILE A 53 14.14 10.51 -16.78
C ILE A 53 14.85 9.19 -16.97
N TYR A 54 15.67 9.14 -18.00
CA TYR A 54 16.43 7.94 -18.26
C TYR A 54 17.88 8.24 -18.48
N LYS A 55 18.69 7.21 -18.26
CA LYS A 55 20.13 7.33 -18.43
C LYS A 55 20.66 8.44 -17.56
N VAL A 56 20.22 8.44 -16.31
CA VAL A 56 20.61 9.40 -15.27
C VAL A 56 19.99 10.77 -15.38
N SER A 57 19.93 11.29 -16.59
CA SER A 57 19.53 12.67 -16.74
C SER A 57 18.91 13.03 -18.05
N ASN A 58 18.47 12.04 -18.83
CA ASN A 58 17.80 12.32 -20.08
C ASN A 58 16.27 12.48 -19.95
N ARG A 59 15.73 13.68 -20.14
CA ARG A 59 14.27 13.85 -20.06
C ARG A 59 13.58 13.10 -21.15
N PHE A 60 12.48 12.47 -20.78
CA PHE A 60 11.71 11.70 -21.71
C PHE A 60 10.78 12.64 -22.44
N SER A 61 10.35 12.24 -23.62
CA SER A 61 9.47 13.04 -24.45
C SER A 61 8.26 13.56 -23.64
N GLY A 62 8.22 14.88 -23.42
CA GLY A 62 7.08 15.53 -22.75
C GLY A 62 7.22 15.75 -21.25
N VAL A 63 8.43 15.57 -20.72
CA VAL A 63 8.67 15.83 -19.31
C VAL A 63 9.18 17.24 -19.10
N PRO A 64 8.31 18.06 -18.51
CA PRO A 64 8.57 19.47 -18.20
C PRO A 64 9.97 19.73 -17.69
N ASP A 65 10.46 20.93 -17.97
CA ASP A 65 11.82 21.26 -17.61
C ASP A 65 12.11 21.48 -16.15
N LYS A 66 11.02 21.52 -15.35
CA LYS A 66 11.16 21.67 -13.90
C LYS A 66 11.93 20.44 -13.40
N PHE A 67 11.77 19.32 -14.10
CA PHE A 67 12.41 18.07 -13.68
C PHE A 67 13.81 17.95 -14.21
N SER A 68 14.71 17.42 -13.43
CA SER A 68 16.03 17.22 -13.98
C SER A 68 16.72 16.20 -13.07
N GLY A 69 17.69 15.46 -13.60
CA GLY A 69 18.34 14.44 -12.80
C GLY A 69 19.83 14.49 -13.03
N SER A 70 20.61 14.07 -12.04
CA SER A 70 22.06 14.09 -12.13
C SER A 70 22.63 13.08 -11.16
N GLY A 71 23.90 12.76 -11.35
CA GLY A 71 24.58 11.83 -10.45
C GLY A 71 25.64 11.02 -11.19
N SER A 72 26.36 10.20 -10.43
CA SER A 72 27.41 9.36 -10.97
C SER A 72 27.56 8.09 -10.15
N GLY A 73 27.75 6.99 -10.86
CA GLY A 73 28.02 5.69 -10.26
C GLY A 73 27.02 5.08 -9.30
N THR A 74 27.05 5.52 -8.04
CA THR A 74 26.16 4.93 -7.05
C THR A 74 25.17 5.92 -6.49
N ASP A 75 25.59 7.17 -6.37
CA ASP A 75 24.74 8.21 -5.82
C ASP A 75 24.01 8.98 -6.92
N PHE A 76 22.73 9.32 -6.74
CA PHE A 76 22.00 10.08 -7.76
C PHE A 76 20.95 10.95 -7.15
N THR A 77 20.47 11.92 -7.91
CA THR A 77 19.50 12.83 -7.35
C THR A 77 18.48 13.27 -8.38
N LEU A 78 17.22 13.30 -7.96
CA LEU A 78 16.13 13.83 -8.76
C LEU A 78 15.80 15.16 -8.17
N LYS A 79 15.65 16.18 -9.01
CA LYS A 79 15.34 17.49 -8.51
C LYS A 79 14.15 18.02 -9.25
N ILE A 80 13.37 18.82 -8.55
CA ILE A 80 12.13 19.39 -9.06
C ILE A 80 12.26 20.85 -8.62
N SER A 81 12.08 21.78 -9.55
CA SER A 81 12.35 23.20 -9.30
C SER A 81 11.28 24.02 -8.53
N ARG A 82 10.02 23.77 -8.87
CA ARG A 82 8.86 24.39 -8.27
C ARG A 82 7.96 23.20 -8.33
N VAL A 83 7.42 22.75 -7.20
CA VAL A 83 6.49 21.65 -7.28
C VAL A 83 5.08 22.12 -7.61
N GLU A 84 4.48 21.45 -8.58
CA GLU A 84 3.09 21.66 -8.98
C GLU A 84 2.28 20.59 -8.28
N ALA A 85 0.96 20.71 -8.31
CA ALA A 85 0.10 19.71 -7.68
C ALA A 85 0.24 18.43 -8.48
N GLU A 86 0.42 18.61 -9.78
CA GLU A 86 0.62 17.53 -10.73
C GLU A 86 1.83 16.66 -10.30
N ASP A 87 2.78 17.23 -9.60
CA ASP A 87 3.98 16.50 -9.30
C ASP A 87 3.89 15.57 -8.12
N GLN A 88 2.70 15.43 -7.57
CA GLN A 88 2.61 14.61 -6.39
C GLN A 88 2.23 13.16 -6.54
N GLY A 89 3.12 12.31 -6.03
CA GLY A 89 2.92 10.89 -6.10
C GLY A 89 4.18 10.27 -5.56
N VAL A 90 4.39 9.02 -5.92
CA VAL A 90 5.55 8.29 -5.47
C VAL A 90 6.52 8.19 -6.63
N TYR A 91 7.78 8.51 -6.33
CA TYR A 91 8.83 8.50 -7.31
C TYR A 91 9.75 7.32 -7.11
N PHE A 92 10.18 6.70 -8.20
CA PHE A 92 11.05 5.54 -8.08
C PHE A 92 12.26 5.59 -9.04
N CYS A 93 13.41 5.12 -8.56
CA CYS A 93 14.57 4.93 -9.43
C CYS A 93 14.79 3.46 -9.71
N SER A 94 14.76 3.07 -10.97
CA SER A 94 15.12 1.71 -11.35
C SER A 94 16.54 1.74 -11.94
N GLN A 95 17.16 0.57 -12.07
CA GLN A 95 18.49 0.44 -12.66
C GLN A 95 18.39 -0.72 -13.62
N SER A 96 19.24 -0.73 -14.64
CA SER A 96 19.15 -1.83 -15.57
C SER A 96 20.52 -2.32 -15.90
N THR A 97 21.52 -1.71 -15.30
CA THR A 97 22.88 -2.11 -15.56
C THR A 97 23.04 -3.57 -15.14
N HIS A 98 22.55 -3.87 -13.95
CA HIS A 98 22.57 -5.23 -13.45
C HIS A 98 21.21 -5.90 -13.56
N VAL A 99 21.24 -7.14 -14.02
CA VAL A 99 20.08 -7.99 -14.21
C VAL A 99 20.06 -8.88 -12.97
N PRO A 100 18.91 -9.08 -12.34
CA PRO A 100 17.65 -8.48 -12.75
C PRO A 100 17.59 -7.02 -12.33
N TRP A 101 16.82 -6.24 -13.10
CA TRP A 101 16.60 -4.85 -12.79
C TRP A 101 15.83 -4.63 -11.48
N THR A 102 16.17 -3.59 -10.75
CA THR A 102 15.53 -3.32 -9.49
C THR A 102 15.06 -1.86 -9.37
N PHE A 103 14.12 -1.65 -8.45
CA PHE A 103 13.55 -0.33 -8.29
C PHE A 103 13.62 -0.05 -6.79
N GLY A 104 13.65 1.22 -6.43
CA GLY A 104 13.76 1.62 -5.04
C GLY A 104 12.41 1.58 -4.33
N GLY A 105 12.48 1.70 -3.01
CA GLY A 105 11.29 1.64 -2.18
C GLY A 105 10.24 2.68 -2.57
N GLY A 106 10.66 3.70 -3.33
CA GLY A 106 9.82 4.83 -3.77
C GLY A 106 9.85 6.02 -2.79
N THR A 107 9.56 7.22 -3.27
CA THR A 107 9.62 8.38 -2.39
C THR A 107 8.37 9.20 -2.60
N LYS A 108 7.75 9.58 -1.50
CA LYS A 108 6.46 10.24 -1.56
C LYS A 108 6.40 11.75 -1.40
N LEU A 109 5.89 12.44 -2.41
CA LEU A 109 5.68 13.86 -2.23
C LEU A 109 4.35 14.06 -1.58
N GLU A 110 4.32 14.80 -0.48
CA GLU A 110 3.06 15.01 0.20
C GLU A 110 2.93 16.45 0.66
N ILE A 111 1.71 16.90 0.87
CA ILE A 111 1.52 18.27 1.28
C ILE A 111 2.06 18.58 2.66
N LYS A 112 2.69 19.73 2.79
CA LYS A 112 3.19 20.20 4.07
C LYS A 112 2.02 20.92 4.71
N ARG A 113 1.87 20.76 6.03
CA ARG A 113 0.91 21.54 6.79
C ARG A 113 1.42 21.61 8.22
N ALA A 114 0.71 22.37 9.04
CA ALA A 114 1.15 22.53 10.42
C ALA A 114 1.10 21.23 11.24
N ASP A 115 1.98 21.15 12.24
CA ASP A 115 1.96 20.01 13.12
C ASP A 115 0.60 19.94 13.79
N ALA A 116 0.13 18.71 13.97
CA ALA A 116 -1.18 18.47 14.57
C ALA A 116 -1.06 17.23 15.45
N ALA A 117 -1.55 17.34 16.68
CA ALA A 117 -1.49 16.23 17.61
C ALA A 117 -2.64 15.30 17.32
N PRO A 118 -2.41 14.02 17.59
CA PRO A 118 -3.42 12.99 17.35
C PRO A 118 -4.41 12.98 18.51
N THR A 119 -5.66 12.64 18.20
CA THR A 119 -6.69 12.42 19.21
C THR A 119 -6.73 10.90 19.38
N VAL A 120 -6.36 10.41 20.58
CA VAL A 120 -6.36 8.96 20.83
C VAL A 120 -7.62 8.53 21.60
N SER A 121 -8.13 7.35 21.27
CA SER A 121 -9.28 6.76 22.00
C SER A 121 -9.07 5.24 22.06
N ILE A 122 -9.31 4.66 23.21
CA ILE A 122 -9.08 3.25 23.24
C ILE A 122 -10.43 2.61 23.47
N PHE A 123 -10.66 1.39 23.03
CA PHE A 123 -11.95 0.79 23.36
C PHE A 123 -11.78 -0.61 23.91
N PRO A 124 -12.53 -0.93 24.94
CA PRO A 124 -12.49 -2.30 25.47
C PRO A 124 -13.21 -3.16 24.48
N PRO A 125 -12.91 -4.44 24.46
CA PRO A 125 -13.63 -5.36 23.58
C PRO A 125 -15.15 -5.36 23.80
N SER A 126 -15.92 -5.65 22.75
CA SER A 126 -17.36 -5.70 22.93
C SER A 126 -17.80 -6.98 23.63
N SER A 127 -18.99 -6.94 24.23
CA SER A 127 -19.51 -8.16 24.83
C SER A 127 -19.85 -9.10 23.66
N GLU A 128 -20.44 -8.56 22.60
CA GLU A 128 -20.69 -9.40 21.43
C GLU A 128 -19.46 -10.26 21.18
N GLN A 129 -18.31 -9.60 21.18
CA GLN A 129 -17.09 -10.26 20.80
C GLN A 129 -16.68 -11.30 21.80
N LEU A 130 -16.67 -10.93 23.07
CA LEU A 130 -16.30 -11.86 24.12
C LEU A 130 -17.07 -13.15 24.01
N THR A 131 -18.39 -12.99 23.91
CA THR A 131 -19.32 -14.12 23.72
C THR A 131 -18.67 -15.15 22.80
N SER A 132 -17.98 -14.66 21.77
CA SER A 132 -17.31 -15.49 20.78
C SER A 132 -15.94 -16.01 21.27
N GLY A 133 -15.48 -15.55 22.43
CA GLY A 133 -14.20 -16.04 22.94
C GLY A 133 -12.91 -15.42 22.38
N GLY A 134 -13.06 -14.37 21.57
CA GLY A 134 -11.91 -13.57 21.13
C GLY A 134 -12.07 -12.22 21.84
N ALA A 135 -11.00 -11.44 21.97
CA ALA A 135 -11.12 -10.08 22.54
C ALA A 135 -10.19 -9.09 21.86
N SER A 136 -10.78 -8.12 21.16
CA SER A 136 -10.03 -7.07 20.47
C SER A 136 -10.08 -5.73 21.18
N VAL A 137 -8.91 -5.21 21.55
CA VAL A 137 -8.79 -3.89 22.14
C VAL A 137 -8.26 -2.93 21.07
N VAL A 138 -9.06 -1.93 20.76
CA VAL A 138 -8.70 -1.00 19.73
C VAL A 138 -8.23 0.35 20.21
N CYS A 139 -7.41 0.99 19.38
CA CYS A 139 -6.94 2.32 19.71
C CYS A 139 -6.85 3.11 18.45
N PHE A 140 -7.51 4.25 18.49
CA PHE A 140 -7.56 5.16 17.38
C PHE A 140 -6.66 6.37 17.58
N LEU A 141 -5.71 6.55 16.68
CA LEU A 141 -4.90 7.75 16.69
C LEU A 141 -5.46 8.67 15.58
N ASN A 142 -6.29 9.67 15.89
CA ASN A 142 -6.86 10.46 14.80
C ASN A 142 -6.31 11.84 14.44
N ASN A 143 -6.44 12.18 13.15
CA ASN A 143 -6.01 13.45 12.58
C ASN A 143 -4.75 14.06 13.21
N PHE A 144 -3.57 13.61 12.80
CA PHE A 144 -2.37 14.16 13.40
C PHE A 144 -1.40 14.36 12.30
N TYR A 145 -0.40 15.20 12.54
CA TYR A 145 0.61 15.53 11.53
C TYR A 145 1.73 16.06 12.34
N PRO A 146 2.95 15.69 11.97
CA PRO A 146 3.24 14.83 10.82
C PRO A 146 2.98 13.33 10.93
N LYS A 147 3.17 12.65 9.80
CA LYS A 147 3.00 11.21 9.68
C LYS A 147 3.69 10.35 10.71
N ASP A 148 4.93 10.61 11.02
CA ASP A 148 5.53 9.73 12.00
C ASP A 148 4.87 9.61 13.34
N ILE A 149 4.73 8.37 13.74
CA ILE A 149 4.15 8.11 15.02
C ILE A 149 4.47 6.71 15.47
N ASN A 150 4.44 6.54 16.78
CA ASN A 150 4.70 5.25 17.37
C ASN A 150 3.66 4.95 18.42
N VAL A 151 3.37 3.68 18.58
CA VAL A 151 2.39 3.29 19.55
C VAL A 151 2.85 2.03 20.21
N LYS A 152 2.91 2.09 21.55
CA LYS A 152 3.16 0.92 22.43
C LYS A 152 1.92 0.46 23.19
N TRP A 153 1.69 -0.84 23.25
CA TRP A 153 0.61 -1.43 24.06
C TRP A 153 1.18 -2.01 25.36
N LYS A 154 0.69 -1.62 26.53
CA LYS A 154 1.14 -2.25 27.77
C LYS A 154 0.01 -3.15 28.23
N ILE A 155 0.29 -4.16 29.03
CA ILE A 155 -0.79 -4.92 29.68
C ILE A 155 -0.30 -5.11 31.08
N ASP A 156 -1.00 -4.51 32.05
CA ASP A 156 -0.54 -4.54 33.44
C ASP A 156 0.89 -4.00 33.47
N GLY A 157 1.08 -2.87 32.79
CA GLY A 157 2.35 -2.19 32.76
C GLY A 157 3.44 -2.84 31.90
N SER A 158 3.21 -4.00 31.29
CA SER A 158 4.22 -4.58 30.39
C SER A 158 3.83 -4.41 28.92
N GLU A 159 4.78 -4.56 28.00
CA GLU A 159 4.47 -4.32 26.61
C GLU A 159 3.83 -5.43 25.75
N ARG A 160 2.52 -5.32 25.51
CA ARG A 160 1.74 -6.17 24.61
C ARG A 160 1.68 -7.70 24.69
N GLN A 161 0.61 -8.28 24.13
CA GLN A 161 0.46 -9.74 24.06
C GLN A 161 0.27 -10.34 22.65
N ASN A 162 1.03 -9.81 21.69
CA ASN A 162 1.13 -10.40 20.35
C ASN A 162 0.39 -9.99 19.11
N GLY A 163 -0.92 -9.99 19.17
CA GLY A 163 -1.74 -9.72 18.00
C GLY A 163 -1.99 -8.24 17.75
N VAL A 164 -0.92 -7.49 17.57
CA VAL A 164 -1.05 -6.07 17.23
C VAL A 164 -0.97 -5.88 15.69
N LEU A 165 -2.07 -5.41 15.10
CA LEU A 165 -2.18 -5.08 13.69
C LEU A 165 -2.32 -3.59 13.59
N ASN A 166 -1.43 -2.91 12.90
CA ASN A 166 -1.62 -1.48 12.72
C ASN A 166 -2.15 -1.15 11.41
N SER A 167 -2.81 0.00 11.30
CA SER A 167 -3.36 0.42 10.02
C SER A 167 -3.45 1.91 9.80
N TRP A 168 -2.94 2.27 8.64
CA TRP A 168 -2.89 3.64 8.21
C TRP A 168 -3.77 4.11 7.10
N THR A 169 -4.42 5.20 7.39
CA THR A 169 -5.22 5.89 6.42
C THR A 169 -4.16 6.70 5.65
N ASP A 170 -4.43 7.03 4.39
CA ASP A 170 -3.51 7.89 3.65
C ASP A 170 -3.71 9.36 4.04
N GLU A 171 -2.82 10.24 3.55
CA GLU A 171 -2.97 11.65 3.86
C GLU A 171 -4.29 12.15 3.36
N ASP A 172 -4.97 12.93 4.18
CA ASP A 172 -6.31 13.39 3.85
C ASP A 172 -6.40 14.60 2.92
N SER A 173 -7.23 14.44 1.90
CA SER A 173 -7.50 15.45 0.87
C SER A 173 -8.00 16.83 1.36
N LYS A 174 -8.73 16.83 2.49
CA LYS A 174 -9.24 18.05 3.10
C LYS A 174 -8.22 18.67 4.04
N ASP A 175 -8.00 18.05 5.21
CA ASP A 175 -7.11 18.66 6.18
C ASP A 175 -5.67 18.22 6.21
N SER A 176 -5.31 17.46 5.17
CA SER A 176 -3.94 16.97 4.94
C SER A 176 -3.41 16.16 6.11
N THR A 177 -4.30 15.77 7.03
CA THR A 177 -3.82 15.00 8.17
C THR A 177 -3.91 13.53 7.90
N TYR A 178 -3.26 12.79 8.79
CA TYR A 178 -3.22 11.33 8.80
C TYR A 178 -3.96 10.75 10.03
N SER A 179 -4.29 9.47 9.96
CA SER A 179 -4.96 8.74 11.03
C SER A 179 -4.47 7.31 11.05
N MET A 180 -4.55 6.65 12.20
CA MET A 180 -4.18 5.26 12.30
C MET A 180 -4.92 4.51 13.42
N SER A 181 -5.02 3.20 13.23
CA SER A 181 -5.66 2.35 14.24
C SER A 181 -4.80 1.16 14.45
N SER A 182 -4.77 0.79 15.72
CA SER A 182 -4.02 -0.31 16.22
C SER A 182 -4.97 -1.17 17.03
N THR A 183 -4.90 -2.47 16.77
CA THR A 183 -5.77 -3.42 17.44
C THR A 183 -4.98 -4.53 18.07
N LEU A 184 -5.26 -4.78 19.34
CA LEU A 184 -4.63 -5.91 20.02
C LEU A 184 -5.68 -6.94 20.29
N THR A 185 -5.58 -8.05 19.58
CA THR A 185 -6.45 -9.21 19.73
C THR A 185 -5.80 -10.15 20.78
N LEU A 186 -6.63 -10.77 21.62
CA LEU A 186 -6.15 -11.66 22.67
C LEU A 186 -7.21 -12.72 22.71
N THR A 187 -6.96 -13.85 23.38
CA THR A 187 -8.03 -14.85 23.59
C THR A 187 -8.93 -14.19 24.60
N LYS A 188 -10.12 -14.72 24.86
CA LYS A 188 -10.98 -14.15 25.92
C LYS A 188 -10.29 -14.39 27.27
N ASP A 189 -9.66 -15.54 27.30
CA ASP A 189 -9.01 -16.03 28.47
C ASP A 189 -7.86 -15.16 28.90
N GLU A 190 -6.91 -14.87 28.00
CA GLU A 190 -5.80 -14.01 28.43
C GLU A 190 -6.31 -12.62 28.65
N TYR A 191 -7.40 -12.28 28.01
CA TYR A 191 -7.99 -10.99 28.26
C TYR A 191 -8.51 -10.95 29.70
N GLU A 192 -9.37 -11.90 30.06
CA GLU A 192 -9.90 -11.92 31.42
C GLU A 192 -8.92 -12.05 32.56
N ARG A 193 -7.68 -12.43 32.29
CA ARG A 193 -6.72 -12.60 33.37
C ARG A 193 -5.70 -11.45 33.50
N HIS A 194 -6.13 -10.24 33.16
CA HIS A 194 -5.30 -9.01 33.25
C HIS A 194 -6.29 -7.87 33.36
N ASN A 195 -5.98 -6.87 34.18
CA ASN A 195 -6.92 -5.77 34.31
C ASN A 195 -6.66 -4.44 33.56
N SER A 196 -5.41 -3.97 33.54
CA SER A 196 -5.12 -2.73 32.83
C SER A 196 -4.60 -2.90 31.44
N TYR A 197 -5.15 -2.07 30.58
CA TYR A 197 -4.84 -2.09 29.17
C TYR A 197 -4.49 -0.68 28.71
N THR A 198 -3.26 -0.56 28.20
CA THR A 198 -2.69 0.71 27.77
C THR A 198 -2.31 0.98 26.30
N CYS A 199 -2.87 2.04 25.75
CA CYS A 199 -2.51 2.44 24.43
C CYS A 199 -1.59 3.63 24.60
N GLU A 200 -0.35 3.45 24.24
CA GLU A 200 0.57 4.52 24.46
C GLU A 200 1.29 5.00 23.21
N ALA A 201 1.37 6.32 23.08
CA ALA A 201 1.92 6.89 21.85
C ALA A 201 2.84 8.09 22.04
N THR A 202 3.72 8.22 21.07
CA THR A 202 4.62 9.34 21.02
C THR A 202 4.69 9.89 19.60
N HIS A 203 4.71 11.20 19.55
CA HIS A 203 4.66 11.92 18.28
C HIS A 203 5.30 13.21 18.71
N LYS A 204 6.16 13.78 17.87
CA LYS A 204 6.79 15.04 18.27
C LYS A 204 5.65 15.99 18.18
N THR A 205 5.34 16.62 19.30
CA THR A 205 4.18 17.49 19.36
C THR A 205 3.84 17.39 20.80
N SER A 206 4.54 16.46 21.43
CA SER A 206 4.37 16.24 22.83
C SER A 206 5.67 15.72 23.34
N THR A 207 6.04 16.24 24.50
CA THR A 207 7.31 15.90 25.06
C THR A 207 7.23 14.44 25.51
N SER A 208 6.01 14.02 25.81
CA SER A 208 5.81 12.70 26.39
C SER A 208 4.64 11.96 25.77
N PRO A 209 4.70 10.63 25.86
CA PRO A 209 3.68 9.81 25.25
C PRO A 209 2.29 10.20 25.70
N ILE A 210 1.38 10.14 24.76
CA ILE A 210 -0.01 10.35 25.06
C ILE A 210 -0.47 8.95 25.46
N VAL A 211 -1.32 8.88 26.47
CA VAL A 211 -1.74 7.61 27.03
C VAL A 211 -3.23 7.57 27.32
N LYS A 212 -3.96 6.71 26.61
CA LYS A 212 -5.35 6.39 26.91
C LYS A 212 -5.29 5.02 27.54
N SER A 213 -6.06 4.80 28.61
CA SER A 213 -5.97 3.53 29.31
C SER A 213 -7.30 3.12 29.90
N PHE A 214 -7.46 1.87 30.31
CA PHE A 214 -8.73 1.48 30.93
C PHE A 214 -8.59 0.16 31.66
N ASN A 215 -9.28 0.01 32.81
CA ASN A 215 -9.23 -1.25 33.54
C ASN A 215 -10.36 -2.13 33.14
N ARG A 216 -10.06 -3.40 33.00
CA ARG A 216 -11.06 -4.39 32.62
C ARG A 216 -12.24 -4.51 33.59
N ASN A 217 -11.98 -4.72 34.87
CA ASN A 217 -13.08 -4.94 35.82
C ASN A 217 -14.11 -3.83 36.06
N GLU A 218 -13.90 -2.63 35.52
CA GLU A 218 -14.79 -1.50 35.85
C GLU A 218 -15.06 -0.58 34.67
N CYS A 219 -16.17 -0.81 33.97
CA CYS A 219 -16.55 -0.07 32.73
C CYS A 219 -17.34 1.29 32.81
N ASP B 1 -2.81 4.75 -30.74
CA ASP B 1 -1.71 4.81 -29.79
C ASP B 1 -1.13 3.45 -29.43
N VAL B 2 -0.15 3.48 -28.53
CA VAL B 2 0.48 2.27 -28.05
C VAL B 2 -0.40 1.96 -26.85
N LYS B 3 -0.96 0.76 -26.81
CA LYS B 3 -1.78 0.35 -25.69
C LYS B 3 -1.66 -1.15 -25.50
N LEU B 4 -1.22 -1.52 -24.30
CA LEU B 4 -1.05 -2.92 -23.90
C LEU B 4 -2.24 -3.20 -22.99
N VAL B 5 -2.83 -4.39 -23.02
CA VAL B 5 -3.91 -4.64 -22.05
C VAL B 5 -3.82 -5.95 -21.26
N GLU B 6 -3.48 -5.87 -19.97
CA GLU B 6 -3.40 -7.11 -19.17
C GLU B 6 -4.79 -7.64 -18.77
N SER B 7 -4.91 -8.97 -18.66
CA SER B 7 -6.16 -9.59 -18.26
C SER B 7 -5.99 -11.02 -17.77
N GLY B 8 -6.94 -11.50 -17.00
CA GLY B 8 -6.91 -12.88 -16.54
C GLY B 8 -6.65 -13.02 -15.06
N GLY B 9 -6.55 -11.89 -14.36
CA GLY B 9 -6.32 -11.93 -12.94
C GLY B 9 -7.49 -12.59 -12.26
N GLY B 10 -7.56 -12.49 -10.94
CA GLY B 10 -8.63 -13.11 -10.18
C GLY B 10 -8.10 -13.76 -8.92
N LEU B 11 -8.92 -14.58 -8.30
CA LEU B 11 -8.51 -15.34 -7.13
C LEU B 11 -8.07 -16.77 -7.54
N VAL B 12 -6.97 -17.24 -6.94
CA VAL B 12 -6.48 -18.64 -7.07
C VAL B 12 -6.06 -19.20 -5.70
N LYS B 13 -6.33 -20.49 -5.52
CA LYS B 13 -6.01 -21.26 -4.31
C LYS B 13 -4.50 -21.31 -4.27
N LEU B 14 -3.88 -21.52 -3.13
CA LEU B 14 -2.43 -21.63 -3.11
C LEU B 14 -1.98 -22.82 -3.94
N GLY B 15 -0.75 -22.74 -4.45
CA GLY B 15 -0.12 -23.80 -5.25
C GLY B 15 -0.80 -23.94 -6.58
N GLY B 16 -1.81 -23.09 -6.81
CA GLY B 16 -2.58 -23.07 -8.04
C GLY B 16 -1.80 -22.54 -9.22
N SER B 17 -2.47 -22.45 -10.35
CA SER B 17 -1.86 -21.98 -11.59
C SER B 17 -2.85 -21.08 -12.34
N LEU B 18 -2.32 -20.19 -13.17
CA LEU B 18 -3.17 -19.22 -13.84
C LEU B 18 -2.40 -18.57 -14.99
N LYS B 19 -3.08 -18.25 -16.08
CA LYS B 19 -2.43 -17.61 -17.23
C LYS B 19 -2.87 -16.20 -17.58
N LEU B 20 -1.99 -15.23 -17.34
CA LEU B 20 -2.24 -13.84 -17.68
C LEU B 20 -1.91 -13.57 -19.12
N SER B 21 -2.77 -12.78 -19.75
CA SER B 21 -2.53 -12.35 -21.11
C SER B 21 -2.15 -10.89 -21.11
N CYS B 22 -1.58 -10.47 -22.24
CA CYS B 22 -1.33 -9.08 -22.46
C CYS B 22 -1.44 -8.83 -23.92
N ALA B 23 -2.48 -8.12 -24.30
CA ALA B 23 -2.77 -7.81 -25.69
C ALA B 23 -2.18 -6.45 -26.02
N ALA B 24 -1.57 -6.35 -27.21
CA ALA B 24 -0.82 -5.17 -27.57
C ALA B 24 -1.19 -4.59 -28.91
N SER B 25 -1.91 -3.49 -28.82
CA SER B 25 -2.35 -2.77 -29.99
C SER B 25 -1.60 -1.45 -30.24
N GLY B 26 -1.80 -0.93 -31.45
CA GLY B 26 -1.28 0.37 -31.82
C GLY B 26 0.20 0.44 -32.10
N PHE B 27 0.78 -0.67 -32.55
CA PHE B 27 2.19 -0.74 -32.89
C PHE B 27 2.65 -2.12 -33.34
N THR B 28 3.90 -2.17 -33.82
CA THR B 28 4.50 -3.41 -34.29
C THR B 28 5.06 -4.24 -33.16
N PHE B 29 4.22 -5.15 -32.66
CA PHE B 29 4.55 -6.03 -31.53
C PHE B 29 5.87 -6.72 -31.78
N SER B 30 5.96 -7.41 -32.90
CA SER B 30 7.14 -8.19 -33.25
C SER B 30 8.44 -7.41 -33.08
N SER B 31 8.34 -6.10 -33.04
CA SER B 31 9.56 -5.35 -32.87
C SER B 31 10.09 -5.25 -31.46
N TYR B 32 9.22 -4.96 -30.50
CA TYR B 32 9.62 -4.72 -29.10
C TYR B 32 9.88 -5.87 -28.14
N PHE B 33 10.62 -5.61 -27.08
CA PHE B 33 10.81 -6.56 -26.00
C PHE B 33 9.68 -6.19 -25.08
N LEU B 34 9.25 -7.12 -24.23
CA LEU B 34 8.26 -6.77 -23.23
C LEU B 34 8.57 -7.46 -21.93
N SER B 35 7.92 -7.02 -20.87
CA SER B 35 8.16 -7.63 -19.60
C SER B 35 6.89 -7.56 -18.85
N TRP B 36 6.92 -8.20 -17.69
CA TRP B 36 5.85 -8.21 -16.73
C TRP B 36 6.55 -7.75 -15.49
N VAL B 37 5.90 -6.83 -14.79
CA VAL B 37 6.46 -6.27 -13.60
C VAL B 37 5.27 -6.31 -12.70
N ARG B 38 5.50 -6.16 -11.42
CA ARG B 38 4.36 -6.28 -10.54
C ARG B 38 4.52 -5.46 -9.30
N GLN B 39 3.42 -5.21 -8.63
CA GLN B 39 3.52 -4.38 -7.48
C GLN B 39 2.87 -5.06 -6.31
N THR B 40 3.76 -5.36 -5.37
CA THR B 40 3.45 -5.87 -4.06
C THR B 40 2.33 -5.04 -3.44
N PRO B 41 1.47 -5.67 -2.64
CA PRO B 41 0.36 -4.95 -2.03
C PRO B 41 0.85 -3.83 -1.15
N GLU B 42 2.11 -3.92 -0.72
CA GLU B 42 2.74 -2.84 0.04
C GLU B 42 3.46 -1.88 -0.92
N LYS B 43 3.17 -2.03 -2.21
CA LYS B 43 3.59 -1.07 -3.22
C LYS B 43 5.07 -1.03 -3.59
N ARG B 44 5.58 -2.11 -4.19
CA ARG B 44 7.00 -2.18 -4.48
C ARG B 44 7.45 -2.67 -5.82
N LEU B 45 8.72 -2.36 -6.02
CA LEU B 45 9.73 -2.90 -6.93
C LEU B 45 9.10 -3.72 -8.04
N GLU B 46 9.55 -4.97 -8.13
CA GLU B 46 8.97 -6.06 -8.92
C GLU B 46 9.17 -6.57 -10.35
N LEU B 47 10.39 -6.87 -10.80
CA LEU B 47 10.54 -7.43 -12.16
C LEU B 47 10.24 -8.93 -12.13
N VAL B 48 9.48 -9.42 -13.08
CA VAL B 48 9.13 -10.81 -13.07
C VAL B 48 9.76 -11.61 -14.21
N ALA B 49 9.71 -11.03 -15.41
CA ALA B 49 10.17 -11.72 -16.62
C ALA B 49 10.29 -10.76 -17.80
N THR B 50 11.15 -11.13 -18.74
CA THR B 50 11.41 -10.30 -19.91
C THR B 50 11.67 -11.21 -21.10
N ILE B 51 11.27 -10.77 -22.27
CA ILE B 51 11.41 -11.59 -23.47
C ILE B 51 11.74 -10.69 -24.67
N ASN B 52 12.51 -11.26 -25.59
CA ASN B 52 12.91 -10.57 -26.80
C ASN B 52 11.76 -10.47 -27.78
N SER B 53 12.08 -10.19 -29.03
CA SER B 53 11.09 -10.14 -30.09
C SER B 53 11.09 -11.51 -30.70
N ASN B 54 9.96 -11.94 -31.26
CA ASN B 54 9.88 -13.30 -31.82
C ASN B 54 10.61 -14.17 -30.81
N GLY B 55 10.09 -14.08 -29.58
CA GLY B 55 10.62 -14.59 -28.32
C GLY B 55 11.47 -15.82 -28.12
N ASP B 56 12.67 -15.82 -28.67
CA ASP B 56 13.49 -16.99 -28.49
C ASP B 56 14.44 -16.83 -27.34
N LYS B 57 14.22 -15.82 -26.52
CA LYS B 57 15.12 -15.58 -25.41
C LYS B 57 14.35 -15.00 -24.24
N THR B 58 14.58 -15.53 -23.06
CA THR B 58 13.79 -15.09 -21.94
C THR B 58 14.63 -14.98 -20.73
N TYR B 59 14.18 -14.20 -19.77
CA TYR B 59 14.89 -14.06 -18.51
C TYR B 59 13.88 -14.08 -17.37
N HIS B 60 14.26 -14.72 -16.28
CA HIS B 60 13.46 -14.81 -15.09
C HIS B 60 14.50 -14.77 -14.00
N PRO B 61 14.25 -13.94 -13.01
CA PRO B 61 15.18 -13.89 -11.93
C PRO B 61 15.21 -15.32 -11.41
N ASP B 62 15.99 -15.58 -10.36
CA ASP B 62 16.04 -16.90 -9.74
C ASP B 62 14.84 -17.18 -8.86
N THR B 63 14.32 -16.13 -8.23
CA THR B 63 13.15 -16.33 -7.39
C THR B 63 11.99 -16.79 -8.20
N MET B 64 11.61 -15.98 -9.17
CA MET B 64 10.43 -16.26 -9.98
C MET B 64 10.58 -17.58 -10.71
N LYS B 65 11.82 -18.03 -10.80
CA LYS B 65 12.15 -19.18 -11.61
C LYS B 65 11.35 -20.41 -11.15
N GLY B 66 10.58 -20.97 -12.08
CA GLY B 66 9.78 -22.13 -11.73
C GLY B 66 8.32 -21.81 -11.53
N ARG B 67 8.02 -20.72 -10.82
CA ARG B 67 6.65 -20.24 -10.71
C ARG B 67 6.16 -19.47 -11.97
N PHE B 68 7.07 -18.78 -12.65
CA PHE B 68 6.68 -17.92 -13.77
C PHE B 68 7.36 -18.21 -15.09
N THR B 69 6.60 -18.10 -16.16
CA THR B 69 7.15 -18.40 -17.45
C THR B 69 6.53 -17.54 -18.54
N ILE B 70 7.36 -16.68 -19.13
CA ILE B 70 6.90 -15.74 -20.13
C ILE B 70 6.87 -16.36 -21.53
N SER B 71 6.00 -15.82 -22.38
CA SER B 71 5.97 -16.26 -23.76
C SER B 71 5.19 -15.26 -24.61
N ARG B 72 5.29 -15.38 -25.92
CA ARG B 72 4.62 -14.46 -26.79
C ARG B 72 4.09 -15.13 -28.06
N ASP B 73 3.24 -14.42 -28.79
CA ASP B 73 2.69 -14.93 -30.02
C ASP B 73 2.73 -13.73 -30.95
N ASN B 74 3.90 -13.51 -31.56
CA ASN B 74 4.05 -12.35 -32.42
C ASN B 74 3.00 -12.49 -33.47
N ALA B 75 2.73 -13.74 -33.75
CA ALA B 75 1.73 -14.11 -34.72
C ALA B 75 0.37 -13.73 -34.18
N LYS B 76 0.30 -12.88 -33.15
CA LYS B 76 -1.01 -12.66 -32.57
C LYS B 76 -1.07 -11.49 -31.59
N ASN B 77 0.04 -10.76 -31.51
CA ASN B 77 0.11 -9.59 -30.65
C ASN B 77 -0.22 -9.83 -29.19
N THR B 78 0.19 -10.99 -28.68
CA THR B 78 -0.08 -11.31 -27.30
C THR B 78 1.10 -11.93 -26.57
N LEU B 79 1.36 -11.39 -25.37
CA LEU B 79 2.41 -11.83 -24.48
C LEU B 79 1.67 -12.55 -23.38
N TYR B 80 2.32 -13.42 -22.63
CA TYR B 80 1.60 -14.09 -21.56
C TYR B 80 2.47 -14.29 -20.36
N LEU B 81 1.95 -15.04 -19.43
CA LEU B 81 2.74 -15.35 -18.28
C LEU B 81 1.98 -16.46 -17.64
N GLN B 82 2.50 -17.67 -17.79
CA GLN B 82 1.90 -18.81 -17.16
C GLN B 82 2.46 -18.87 -15.75
N MET B 83 1.58 -18.93 -14.75
CA MET B 83 1.99 -19.02 -13.34
C MET B 83 1.68 -20.41 -12.82
N SER B 84 2.43 -20.93 -11.86
CA SER B 84 2.14 -22.31 -11.54
C SER B 84 2.00 -22.82 -10.13
N SER B 85 2.85 -22.41 -9.21
CA SER B 85 2.63 -22.96 -7.89
C SER B 85 2.55 -21.75 -7.03
N LEU B 86 1.45 -21.01 -7.15
CA LEU B 86 1.29 -19.75 -6.45
C LEU B 86 1.40 -19.78 -4.96
N LYS B 87 2.32 -18.98 -4.43
CA LYS B 87 2.46 -18.81 -3.01
C LYS B 87 1.62 -17.57 -2.78
N SER B 88 1.34 -17.25 -1.53
CA SER B 88 0.58 -16.06 -1.25
C SER B 88 1.45 -14.83 -1.46
N GLU B 89 2.76 -14.95 -1.28
CA GLU B 89 3.64 -13.81 -1.56
C GLU B 89 3.62 -13.37 -3.01
N ASP B 90 2.81 -14.02 -3.85
CA ASP B 90 2.70 -13.66 -5.25
C ASP B 90 1.54 -12.74 -5.60
N THR B 91 0.70 -12.54 -4.60
CA THR B 91 -0.43 -11.65 -4.71
C THR B 91 0.14 -10.29 -5.13
N ALA B 92 -0.44 -9.67 -6.15
CA ALA B 92 0.10 -8.40 -6.60
C ALA B 92 -0.59 -7.93 -7.88
N LEU B 93 -0.31 -6.69 -8.27
CA LEU B 93 -0.90 -6.15 -9.50
C LEU B 93 0.08 -6.43 -10.60
N TYR B 94 -0.39 -7.10 -11.64
CA TYR B 94 0.54 -7.49 -12.69
C TYR B 94 0.59 -6.57 -13.90
N TYR B 95 1.71 -5.87 -14.08
CA TYR B 95 1.83 -5.03 -15.27
C TYR B 95 2.52 -5.66 -16.45
N CYS B 96 1.98 -5.31 -17.61
CA CYS B 96 2.50 -5.63 -18.92
C CYS B 96 3.36 -4.40 -19.25
N ALA B 97 4.49 -4.57 -19.92
CA ALA B 97 5.40 -3.42 -20.17
C ALA B 97 6.31 -3.56 -21.40
N ARG B 98 6.44 -2.45 -22.14
CA ARG B 98 7.26 -2.33 -23.36
C ARG B 98 8.61 -1.67 -23.15
N ARG B 99 9.66 -2.27 -23.72
CA ARG B 99 10.99 -1.66 -23.63
C ARG B 99 11.25 -0.63 -24.77
N ASP B 100 11.92 0.48 -24.47
CA ASP B 100 12.20 1.46 -25.49
C ASP B 100 13.09 0.75 -26.48
N SER B 101 12.90 1.04 -27.75
CA SER B 101 13.66 0.41 -28.82
C SER B 101 15.09 0.92 -28.98
N SER B 102 15.39 2.10 -28.46
CA SER B 102 16.74 2.61 -28.61
C SER B 102 17.63 1.77 -27.69
N ALA B 103 17.08 0.72 -27.09
CA ALA B 103 17.83 -0.11 -26.16
C ALA B 103 18.33 0.61 -24.92
N SER B 104 17.79 1.79 -24.62
CA SER B 104 18.22 2.50 -23.41
C SER B 104 17.74 1.81 -22.12
N LEU B 105 17.17 0.62 -22.30
CA LEU B 105 16.71 -0.23 -21.20
C LEU B 105 15.71 0.33 -20.18
N TYR B 106 14.60 0.88 -20.66
CA TYR B 106 13.59 1.46 -19.78
C TYR B 106 12.29 1.18 -20.45
N PHE B 107 11.21 1.19 -19.66
CA PHE B 107 9.88 0.82 -20.19
C PHE B 107 9.15 2.06 -20.64
N ASP B 108 8.76 2.14 -21.90
CA ASP B 108 8.06 3.34 -22.29
C ASP B 108 6.54 3.22 -22.19
N TYR B 109 6.03 2.00 -22.19
CA TYR B 109 4.59 1.84 -22.14
C TYR B 109 4.14 0.76 -21.19
N TRP B 110 3.32 1.14 -20.20
CA TRP B 110 2.72 0.21 -19.25
C TRP B 110 1.21 0.06 -19.50
N GLY B 111 0.62 -1.05 -19.04
CA GLY B 111 -0.82 -1.29 -19.11
C GLY B 111 -1.44 -0.89 -17.76
N GLN B 112 -2.74 -1.15 -17.58
CA GLN B 112 -3.39 -0.83 -16.31
C GLN B 112 -3.08 -1.91 -15.26
N GLY B 113 -2.77 -3.11 -15.75
CA GLY B 113 -2.43 -4.27 -14.90
C GLY B 113 -3.63 -5.06 -14.34
N THR B 114 -3.47 -6.38 -14.22
CA THR B 114 -4.47 -7.27 -13.62
C THR B 114 -4.13 -7.59 -12.18
N THR B 115 -5.17 -7.75 -11.38
CA THR B 115 -4.92 -8.10 -10.02
C THR B 115 -4.88 -9.62 -9.84
N LEU B 116 -4.17 -10.08 -8.82
CA LEU B 116 -4.06 -11.48 -8.54
C LEU B 116 -3.99 -11.65 -7.06
N THR B 117 -4.86 -12.53 -6.56
CA THR B 117 -4.89 -12.85 -5.14
C THR B 117 -4.79 -14.37 -4.99
N VAL B 118 -3.80 -14.80 -4.22
CA VAL B 118 -3.60 -16.20 -3.94
C VAL B 118 -4.02 -16.42 -2.48
N SER B 119 -5.17 -17.04 -2.30
CA SER B 119 -5.63 -17.32 -0.97
C SER B 119 -6.46 -18.56 -1.10
N SER B 120 -6.38 -19.41 -0.08
CA SER B 120 -7.29 -20.54 -0.01
C SER B 120 -8.54 -20.16 0.78
N ALA B 121 -8.52 -19.02 1.45
CA ALA B 121 -9.69 -18.53 2.17
C ALA B 121 -10.97 -18.87 1.37
N LYS B 122 -12.03 -19.22 2.09
CA LYS B 122 -13.33 -19.42 1.50
C LYS B 122 -14.16 -18.21 1.87
N THR B 123 -15.18 -17.91 1.07
CA THR B 123 -16.07 -16.79 1.37
C THR B 123 -16.75 -16.83 2.74
N THR B 124 -16.19 -16.00 3.63
CA THR B 124 -16.61 -15.83 5.01
C THR B 124 -17.17 -14.43 5.25
N PRO B 125 -18.34 -14.33 5.86
CA PRO B 125 -18.91 -13.03 6.18
C PRO B 125 -18.21 -12.49 7.44
N PRO B 126 -18.24 -11.20 7.61
CA PRO B 126 -17.49 -10.62 8.74
C PRO B 126 -18.35 -10.54 10.00
N SER B 127 -17.68 -10.36 11.14
CA SER B 127 -18.38 -10.14 12.39
C SER B 127 -18.23 -8.68 12.70
N VAL B 128 -19.34 -7.99 12.96
CA VAL B 128 -19.30 -6.57 13.32
C VAL B 128 -19.46 -6.35 14.80
N TYR B 129 -18.64 -5.48 15.34
CA TYR B 129 -18.73 -5.17 16.74
C TYR B 129 -18.68 -3.68 16.91
N PRO B 130 -19.56 -3.19 17.76
CA PRO B 130 -19.65 -1.78 18.06
C PRO B 130 -18.47 -1.43 18.94
N LEU B 131 -18.17 -0.14 19.02
CA LEU B 131 -17.08 0.32 19.86
C LEU B 131 -17.48 1.60 20.55
N ALA B 132 -17.99 1.45 21.76
CA ALA B 132 -18.39 2.56 22.60
C ALA B 132 -17.12 2.91 23.34
N PRO B 133 -16.98 4.17 23.77
CA PRO B 133 -15.75 4.62 24.44
C PRO B 133 -15.60 4.10 25.86
N GLY B 134 -16.72 3.89 26.53
CA GLY B 134 -16.72 3.52 27.95
C GLY B 134 -15.99 4.65 28.68
N SER B 135 -14.67 4.69 28.44
CA SER B 135 -13.75 5.71 28.97
C SER B 135 -13.78 7.04 28.18
N ALA B 136 -14.44 8.04 28.75
CA ALA B 136 -14.56 9.39 28.20
C ALA B 136 -14.62 9.58 26.67
N ALA B 137 -13.54 9.20 25.99
CA ALA B 137 -13.39 9.40 24.55
C ALA B 137 -13.22 10.91 24.27
N GLN B 138 -12.92 11.64 25.35
CA GLN B 138 -12.78 13.09 25.38
C GLN B 138 -14.18 13.65 25.49
N THR B 139 -14.72 13.67 26.71
CA THR B 139 -16.04 14.24 26.96
C THR B 139 -15.98 15.76 26.78
N ASN B 140 -15.11 16.15 25.86
CA ASN B 140 -14.87 17.55 25.48
C ASN B 140 -16.05 18.09 24.68
N SER B 141 -16.16 17.63 23.44
CA SER B 141 -17.19 18.11 22.53
C SER B 141 -17.37 17.02 21.50
N MET B 142 -16.23 16.45 21.11
CA MET B 142 -16.18 15.34 20.19
C MET B 142 -16.17 14.07 21.03
N VAL B 143 -16.67 13.01 20.45
CA VAL B 143 -16.68 11.74 21.13
C VAL B 143 -16.63 10.78 19.98
N THR B 144 -15.60 9.96 19.97
CA THR B 144 -15.41 9.02 18.89
C THR B 144 -15.97 7.64 19.13
N LEU B 145 -16.56 7.11 18.07
CA LEU B 145 -17.06 5.77 18.14
C LEU B 145 -16.51 5.04 16.91
N GLY B 146 -16.56 3.71 16.95
CA GLY B 146 -16.04 2.92 15.87
C GLY B 146 -16.80 1.63 15.69
N CYS B 147 -16.39 0.90 14.65
CA CYS B 147 -16.91 -0.40 14.28
C CYS B 147 -15.75 -1.25 13.89
N LEU B 148 -15.69 -2.43 14.46
CA LEU B 148 -14.64 -3.32 14.12
C LEU B 148 -15.32 -4.35 13.24
N VAL B 149 -15.00 -4.31 11.96
CA VAL B 149 -15.53 -5.26 10.97
C VAL B 149 -14.47 -6.36 10.85
N LYS B 150 -14.76 -7.57 11.34
CA LYS B 150 -13.68 -8.51 11.47
C LYS B 150 -13.79 -9.84 10.79
N GLY B 151 -12.61 -10.31 10.35
CA GLY B 151 -12.39 -11.62 9.73
C GLY B 151 -13.37 -12.07 8.66
N TYR B 152 -13.26 -11.51 7.45
CA TYR B 152 -14.18 -11.81 6.32
C TYR B 152 -13.35 -11.97 5.06
N PHE B 153 -13.93 -12.56 4.02
CA PHE B 153 -13.18 -12.80 2.78
C PHE B 153 -14.13 -13.14 1.63
N PRO B 154 -13.89 -12.65 0.43
CA PRO B 154 -12.80 -11.75 0.07
C PRO B 154 -13.12 -10.25 0.35
N GLU B 155 -12.18 -9.40 0.03
CA GLU B 155 -12.36 -7.95 0.08
C GLU B 155 -13.38 -7.77 -1.04
N PRO B 156 -14.16 -6.68 -1.10
CA PRO B 156 -14.18 -5.58 -0.17
C PRO B 156 -15.48 -5.54 0.66
N VAL B 157 -15.49 -4.63 1.62
CA VAL B 157 -16.60 -4.45 2.52
C VAL B 157 -16.95 -2.97 2.40
N THR B 158 -18.13 -2.57 2.82
CA THR B 158 -18.49 -1.15 2.72
C THR B 158 -19.07 -0.83 4.06
N VAL B 159 -18.76 0.35 4.58
CA VAL B 159 -19.30 0.73 5.87
C VAL B 159 -19.72 2.16 5.88
N THR B 160 -20.87 2.43 6.49
CA THR B 160 -21.43 3.76 6.54
C THR B 160 -22.05 3.98 7.89
N TRP B 161 -22.08 5.23 8.31
CA TRP B 161 -22.72 5.61 9.53
C TRP B 161 -24.04 6.21 9.26
N ASN B 162 -25.03 5.76 10.02
CA ASN B 162 -26.36 6.30 9.90
C ASN B 162 -26.77 6.38 8.45
N SER B 163 -26.69 5.25 7.78
CA SER B 163 -27.08 5.09 6.38
C SER B 163 -26.44 6.04 5.41
N GLY B 164 -25.36 6.70 5.82
CA GLY B 164 -24.72 7.67 4.93
C GLY B 164 -25.02 9.13 5.29
N SER B 165 -25.91 9.30 6.26
CA SER B 165 -26.23 10.61 6.78
C SER B 165 -24.99 11.10 7.48
N LEU B 166 -24.14 10.18 7.97
CA LEU B 166 -22.87 10.52 8.62
C LEU B 166 -21.70 10.37 7.64
N SER B 167 -21.15 11.51 7.21
CA SER B 167 -20.04 11.55 6.25
C SER B 167 -18.79 12.23 6.83
N SER B 168 -19.05 13.21 7.69
CA SER B 168 -18.01 14.00 8.34
C SER B 168 -17.45 13.33 9.56
N GLY B 169 -16.13 13.42 9.73
CA GLY B 169 -15.47 12.88 10.92
C GLY B 169 -15.29 11.38 10.82
N VAL B 170 -15.71 10.81 9.69
CA VAL B 170 -15.58 9.39 9.46
C VAL B 170 -14.35 8.89 8.71
N HIS B 171 -13.50 8.17 9.42
CA HIS B 171 -12.36 7.53 8.80
C HIS B 171 -12.72 6.06 8.63
N THR B 172 -11.99 5.40 7.76
CA THR B 172 -12.16 3.98 7.54
C THR B 172 -10.79 3.45 7.09
N PHE B 173 -10.14 2.74 8.02
CA PHE B 173 -8.82 2.23 7.79
C PHE B 173 -8.84 1.14 6.79
N PRO B 174 -7.90 1.19 5.88
CA PRO B 174 -7.69 0.12 4.95
C PRO B 174 -7.52 -1.23 5.69
N ALA B 175 -7.94 -2.31 5.02
CA ALA B 175 -7.98 -3.66 5.55
C ALA B 175 -6.62 -4.29 5.64
N VAL B 176 -6.56 -5.37 6.39
CA VAL B 176 -5.34 -6.05 6.69
C VAL B 176 -5.64 -7.51 6.94
N LEU B 177 -4.65 -8.36 6.65
CA LEU B 177 -4.75 -9.80 6.87
C LEU B 177 -4.57 -10.22 8.28
N GLN B 178 -5.66 -10.73 8.83
CA GLN B 178 -5.64 -11.30 10.18
C GLN B 178 -5.62 -12.79 9.89
N SER B 179 -4.42 -13.30 9.65
CA SER B 179 -4.21 -14.66 9.21
C SER B 179 -4.56 -14.58 7.72
N ASP B 180 -5.45 -15.45 7.27
CA ASP B 180 -5.83 -15.48 5.88
C ASP B 180 -7.11 -14.69 5.64
N LEU B 181 -7.49 -13.87 6.61
CA LEU B 181 -8.75 -13.14 6.50
C LEU B 181 -8.60 -11.68 6.88
N TYR B 182 -9.45 -10.87 6.24
CA TYR B 182 -9.44 -9.43 6.40
C TYR B 182 -10.07 -8.87 7.68
N THR B 183 -9.48 -7.78 8.15
CA THR B 183 -10.03 -7.06 9.27
C THR B 183 -9.92 -5.58 8.99
N LEU B 184 -10.92 -4.80 9.41
CA LEU B 184 -10.94 -3.38 9.14
C LEU B 184 -11.75 -2.63 10.19
N SER B 185 -11.51 -1.34 10.32
CA SER B 185 -12.14 -0.55 11.36
C SER B 185 -12.75 0.62 10.65
N SER B 186 -13.56 1.36 11.38
CA SER B 186 -14.17 2.55 10.87
C SER B 186 -14.42 3.39 12.06
N SER B 187 -14.20 4.68 11.93
CA SER B 187 -14.40 5.54 13.08
C SER B 187 -15.16 6.77 12.68
N VAL B 188 -15.89 7.27 13.67
CA VAL B 188 -16.66 8.47 13.51
C VAL B 188 -16.51 9.39 14.74
N THR B 189 -16.61 10.68 14.52
CA THR B 189 -16.42 11.60 15.60
C THR B 189 -17.63 12.48 15.52
N VAL B 190 -18.18 12.71 16.69
CA VAL B 190 -19.40 13.43 16.79
C VAL B 190 -19.43 14.23 18.06
N PRO B 191 -20.27 15.25 18.01
CA PRO B 191 -20.40 16.16 19.13
C PRO B 191 -21.00 15.39 20.31
N SER B 192 -20.48 15.70 21.49
CA SER B 192 -20.89 15.06 22.73
C SER B 192 -22.36 15.14 22.96
N SER B 193 -22.96 16.27 22.60
CA SER B 193 -24.40 16.43 22.82
C SER B 193 -25.10 15.35 21.99
N THR B 194 -24.58 15.15 20.78
CA THR B 194 -25.12 14.22 19.78
C THR B 194 -25.35 12.76 20.20
N TRP B 195 -24.52 12.27 21.11
CA TRP B 195 -24.60 10.88 21.48
C TRP B 195 -24.11 10.89 22.89
N PRO B 196 -24.62 9.99 23.72
CA PRO B 196 -25.56 8.96 23.29
C PRO B 196 -26.95 9.41 22.91
N SER B 197 -27.23 10.69 23.12
CA SER B 197 -28.56 11.25 22.89
C SER B 197 -29.21 10.76 21.65
N GLU B 198 -28.51 10.83 20.53
CA GLU B 198 -29.13 10.41 19.28
C GLU B 198 -28.47 9.15 18.74
N THR B 199 -29.21 8.39 17.92
CA THR B 199 -28.70 7.14 17.38
C THR B 199 -27.49 7.31 16.46
N VAL B 200 -26.64 6.30 16.45
CA VAL B 200 -25.44 6.26 15.60
C VAL B 200 -25.27 4.78 15.32
N THR B 201 -25.28 4.45 14.04
CA THR B 201 -25.26 3.07 13.61
C THR B 201 -24.31 2.93 12.45
N CYS B 202 -23.53 1.85 12.48
CA CYS B 202 -22.60 1.54 11.40
C CYS B 202 -23.24 0.48 10.54
N ASN B 203 -23.26 0.72 9.26
CA ASN B 203 -23.86 -0.20 8.34
C ASN B 203 -22.74 -0.96 7.71
N VAL B 204 -22.86 -2.27 7.62
CA VAL B 204 -21.81 -2.97 6.95
C VAL B 204 -22.38 -3.91 5.95
N ALA B 205 -21.70 -4.01 4.83
CA ALA B 205 -22.15 -4.82 3.75
C ALA B 205 -20.95 -5.51 3.15
N HIS B 206 -21.16 -6.76 2.79
CA HIS B 206 -20.12 -7.59 2.23
C HIS B 206 -20.84 -8.40 1.18
N PRO B 207 -20.97 -7.80 0.02
CA PRO B 207 -21.72 -8.40 -1.08
C PRO B 207 -21.31 -9.83 -1.47
N ALA B 208 -20.04 -10.19 -1.35
CA ALA B 208 -19.60 -11.52 -1.75
C ALA B 208 -20.23 -12.60 -0.94
N SER B 209 -20.93 -12.26 0.14
CA SER B 209 -21.51 -13.27 1.01
C SER B 209 -22.92 -12.89 1.35
N SER B 210 -23.44 -11.85 0.71
CA SER B 210 -24.82 -11.44 0.88
C SER B 210 -25.17 -10.85 2.25
N THR B 211 -24.17 -10.26 2.90
CA THR B 211 -24.32 -9.65 4.21
C THR B 211 -24.55 -8.15 4.27
N LYS B 212 -25.52 -7.78 5.10
CA LYS B 212 -25.79 -6.41 5.46
C LYS B 212 -26.06 -6.48 6.96
N VAL B 213 -25.42 -5.59 7.70
CA VAL B 213 -25.52 -5.60 9.14
C VAL B 213 -25.49 -4.19 9.61
N ASP B 214 -26.27 -3.92 10.63
CA ASP B 214 -26.26 -2.60 11.20
C ASP B 214 -25.94 -2.87 12.64
N LYS B 215 -25.21 -1.99 13.28
CA LYS B 215 -24.87 -2.29 14.64
C LYS B 215 -24.94 -0.94 15.28
N LYS B 216 -25.76 -0.90 16.33
CA LYS B 216 -26.06 0.28 17.11
C LYS B 216 -24.93 0.50 18.11
N ILE B 217 -24.35 1.69 18.20
CA ILE B 217 -23.38 1.88 19.25
C ILE B 217 -24.13 2.40 20.42
N VAL B 218 -24.47 1.51 21.34
CA VAL B 218 -25.13 1.89 22.57
C VAL B 218 -24.01 1.93 23.59
N PRO B 219 -24.15 2.84 24.54
CA PRO B 219 -23.10 3.07 25.52
C PRO B 219 -22.65 1.82 26.32
N ARG B 220 -21.61 1.14 25.83
CA ARG B 220 -21.02 -0.03 26.52
C ARG B 220 -21.58 -1.50 26.50
N LEU C 2 29.96 -8.22 -11.30
CA LEU C 2 28.76 -9.04 -11.17
C LEU C 2 27.92 -9.07 -12.45
N GLN C 3 26.65 -9.48 -12.29
CA GLN C 3 25.66 -9.64 -13.36
C GLN C 3 25.21 -8.48 -14.28
N TYR C 4 26.13 -7.71 -14.86
CA TYR C 4 25.69 -6.64 -15.75
C TYR C 4 24.62 -7.22 -16.64
N THR C 5 23.90 -6.34 -17.34
CA THR C 5 22.85 -6.75 -18.29
C THR C 5 23.47 -7.37 -19.55
N PRO C 6 22.87 -8.43 -20.07
CA PRO C 6 23.44 -9.16 -21.19
C PRO C 6 23.33 -8.51 -22.54
N SER C 7 24.17 -8.98 -23.45
CA SER C 7 24.20 -8.49 -24.82
C SER C 7 22.83 -8.40 -25.43
N TRP C 8 22.07 -9.47 -25.30
CA TRP C 8 20.72 -9.46 -25.83
C TRP C 8 20.00 -8.57 -24.82
N MET C 9 18.79 -8.14 -25.09
CA MET C 9 18.25 -7.19 -24.14
C MET C 9 18.84 -5.85 -24.52
N LEU C 10 20.13 -5.81 -24.86
CA LEU C 10 20.78 -4.58 -25.38
C LEU C 10 20.69 -4.47 -26.87
N VAL C 11 20.12 -5.49 -27.51
CA VAL C 11 19.93 -5.48 -28.95
C VAL C 11 18.75 -4.56 -29.20
N GLY C 12 18.08 -4.71 -30.33
CA GLY C 12 17.27 -3.74 -30.66
C GLY C 12 16.75 -4.05 -32.07
#